data_2J1S
#
_entry.id   2J1S
#
_cell.length_a   43.523
_cell.length_b   60.771
_cell.length_c   99.499
_cell.angle_alpha   90.00
_cell.angle_beta   90.00
_cell.angle_gamma   90.00
#
_symmetry.space_group_name_H-M   'P 21 21 21'
#
loop_
_entity.id
_entity.type
_entity.pdbx_description
1 polymer 'FUCOLECTIN-RELATED PROTEIN'
2 non-polymer 'CALCIUM ION'
3 non-polymer beta-L-fucopyranose
4 water water
#
_entity_poly.entity_id   1
_entity_poly.type   'polypeptide(L)'
_entity_poly.pdbx_seq_one_letter_code
;GSHMASTPDKFNDGNLNIAYAKPTTQSSVDYNGDPNRAVDGNRNGNFNSGSVTHTRADNPSWWEVDLKKMDKVGLVKIYN
RTDAETQRLSNFDVILYDNNRNEVAKKHVNNLSGESVSLDFKEKGARYIKVKLLTSGVPLSLAEVEVFRES
;
_entity_poly.pdbx_strand_id   A,B
#
loop_
_chem_comp.id
_chem_comp.type
_chem_comp.name
_chem_comp.formula
CA non-polymer 'CALCIUM ION' 'Ca 2'
FUL L-saccharide, beta linking beta-L-fucopyranose 'C6 H12 O5'
#
# COMPACT_ATOMS: atom_id res chain seq x y z
N LYS A 10 -10.76 -16.44 -9.51
CA LYS A 10 -11.70 -15.71 -8.60
C LYS A 10 -12.40 -16.66 -7.63
N PHE A 11 -12.79 -17.85 -8.09
CA PHE A 11 -13.28 -18.89 -7.16
C PHE A 11 -12.33 -20.06 -7.12
N ASN A 12 -12.09 -20.56 -5.91
CA ASN A 12 -11.32 -21.75 -5.71
C ASN A 12 -12.15 -22.69 -4.92
N ASP A 13 -12.49 -23.81 -5.55
CA ASP A 13 -13.25 -24.87 -4.91
C ASP A 13 -14.54 -24.32 -4.33
N GLY A 14 -15.12 -23.40 -5.09
CA GLY A 14 -16.42 -22.84 -4.76
C GLY A 14 -16.39 -21.71 -3.79
N ASN A 15 -15.21 -21.30 -3.35
CA ASN A 15 -15.09 -20.20 -2.41
C ASN A 15 -14.49 -18.98 -3.13
N LEU A 16 -15.11 -17.81 -2.93
CA LEU A 16 -14.66 -16.57 -3.56
C LEU A 16 -13.33 -16.13 -2.96
N ASN A 17 -12.31 -16.06 -3.82
CA ASN A 17 -11.01 -15.56 -3.43
C ASN A 17 -10.98 -14.05 -3.61
N ILE A 18 -11.16 -13.34 -2.49
CA ILE A 18 -11.19 -11.89 -2.51
C ILE A 18 -9.83 -11.24 -2.76
N ALA A 19 -8.74 -12.00 -2.72
CA ALA A 19 -7.44 -11.38 -3.03
C ALA A 19 -7.17 -11.26 -4.53
N TYR A 20 -7.87 -12.06 -5.32
CA TYR A 20 -7.58 -12.18 -6.75
C TYR A 20 -7.63 -10.82 -7.38
N ALA A 21 -6.57 -10.45 -8.07
CA ALA A 21 -6.49 -9.22 -8.86
C ALA A 21 -6.52 -7.91 -8.04
N LYS A 22 -6.32 -8.01 -6.73
CA LYS A 22 -6.28 -6.85 -5.85
C LYS A 22 -4.90 -6.22 -5.96
N PRO A 23 -4.78 -4.93 -5.63
CA PRO A 23 -3.49 -4.27 -5.60
C PRO A 23 -2.55 -4.96 -4.62
N THR A 24 -1.28 -5.05 -5.00
CA THR A 24 -0.23 -5.64 -4.20
C THR A 24 1.00 -4.76 -4.22
N THR A 25 1.79 -4.94 -3.17
CA THR A 25 3.10 -4.34 -3.09
C THR A 25 4.05 -5.30 -2.43
N GLN A 26 5.32 -5.02 -2.55
CA GLN A 26 6.29 -5.83 -1.83
C GLN A 26 7.55 -5.00 -1.58
N SER A 27 8.50 -5.56 -0.85
CA SER A 27 9.63 -4.77 -0.36
C SER A 27 10.57 -4.27 -1.46
N SER A 28 10.66 -5.07 -2.51
CA SER A 28 11.43 -4.77 -3.73
C SER A 28 11.09 -5.85 -4.74
N VAL A 29 11.62 -5.72 -5.95
CA VAL A 29 11.42 -6.75 -6.97
C VAL A 29 12.78 -7.19 -7.51
N ASP A 30 12.94 -8.50 -7.68
CA ASP A 30 14.04 -9.07 -8.46
C ASP A 30 13.47 -10.13 -9.41
N TYR A 31 14.24 -10.39 -10.48
CA TYR A 31 13.92 -11.43 -11.43
C TYR A 31 12.52 -11.22 -12.05
N ASN A 32 12.09 -9.96 -12.10
CA ASN A 32 10.77 -9.58 -12.56
C ASN A 32 9.60 -10.23 -11.82
N GLY A 33 9.85 -10.65 -10.59
CA GLY A 33 8.86 -11.30 -9.75
C GLY A 33 7.91 -10.32 -9.07
N ASP A 34 7.21 -9.55 -9.89
CA ASP A 34 6.33 -8.48 -9.44
C ASP A 34 5.22 -9.02 -8.51
N PRO A 35 4.78 -8.21 -7.59
CA PRO A 35 3.92 -8.73 -6.51
C PRO A 35 2.58 -9.18 -6.96
N ASN A 36 2.13 -8.72 -8.13
CA ASN A 36 0.83 -9.12 -8.62
C ASN A 36 0.81 -10.60 -9.06
N ARG A 37 1.97 -11.21 -9.14
CA ARG A 37 2.01 -12.63 -9.48
C ARG A 37 1.38 -13.51 -8.42
N ALA A 38 1.32 -13.04 -7.15
CA ALA A 38 0.72 -13.85 -6.07
C ALA A 38 -0.79 -13.69 -6.01
N VAL A 39 -1.37 -12.86 -6.89
CA VAL A 39 -2.85 -12.77 -6.98
C VAL A 39 -3.35 -12.93 -8.43
N ASP A 40 -2.59 -13.66 -9.24
CA ASP A 40 -2.91 -13.81 -10.68
C ASP A 40 -3.81 -15.02 -10.97
N GLY A 41 -4.27 -15.70 -9.91
CA GLY A 41 -5.17 -16.83 -10.04
C GLY A 41 -4.47 -18.15 -10.32
N ASN A 42 -3.14 -18.12 -10.39
CA ASN A 42 -2.34 -19.28 -10.76
C ASN A 42 -1.49 -19.76 -9.56
N ARG A 43 -1.74 -21.01 -9.16
CA ARG A 43 -1.04 -21.58 -8.03
C ARG A 43 0.33 -22.17 -8.41
N ASN A 44 0.62 -22.26 -9.70
CA ASN A 44 1.90 -22.80 -10.17
C ASN A 44 3.06 -22.14 -9.39
N GLY A 45 3.89 -22.98 -8.76
CA GLY A 45 5.01 -22.54 -7.95
C GLY A 45 6.37 -22.61 -8.62
N ASN A 46 6.41 -22.99 -9.92
CA ASN A 46 7.66 -22.94 -10.67
CA ASN A 46 7.63 -22.95 -10.70
C ASN A 46 7.94 -21.51 -11.05
N PHE A 47 9.02 -20.97 -10.53
CA PHE A 47 9.35 -19.59 -10.78
C PHE A 47 9.40 -19.25 -12.28
N ASN A 48 9.90 -20.19 -13.06
CA ASN A 48 10.11 -19.94 -14.49
C ASN A 48 8.77 -19.90 -15.25
N SER A 49 7.66 -20.22 -14.58
CA SER A 49 6.30 -20.16 -15.13
C SER A 49 5.72 -18.75 -15.23
N GLY A 50 6.29 -17.81 -14.47
CA GLY A 50 5.74 -16.48 -14.42
C GLY A 50 4.71 -16.22 -13.35
N SER A 51 4.39 -17.23 -12.58
CA SER A 51 3.32 -17.19 -11.57
C SER A 51 3.76 -16.78 -10.15
N VAL A 52 5.06 -16.56 -9.94
CA VAL A 52 5.71 -16.51 -8.60
C VAL A 52 6.41 -15.16 -8.41
N THR A 53 6.18 -14.53 -7.25
CA THR A 53 6.85 -13.28 -6.91
C THR A 53 8.29 -13.53 -6.49
N HIS A 54 9.04 -12.43 -6.36
CA HIS A 54 10.43 -12.47 -5.95
C HIS A 54 10.84 -11.06 -5.53
N THR A 55 11.29 -10.92 -4.28
CA THR A 55 11.89 -9.65 -3.87
C THR A 55 13.41 -9.80 -3.97
N ARG A 56 14.09 -8.69 -3.75
CA ARG A 56 15.53 -8.74 -3.46
C ARG A 56 15.73 -9.22 -2.01
N ALA A 57 16.97 -9.36 -1.64
CA ALA A 57 17.28 -9.77 -0.30
C ALA A 57 17.20 -8.72 0.82
N ASP A 58 16.00 -8.45 1.35
CA ASP A 58 15.64 -7.15 1.88
C ASP A 58 15.76 -7.34 3.43
N ASN A 59 15.48 -6.31 4.19
CA ASN A 59 15.74 -6.29 5.63
C ASN A 59 14.50 -5.81 6.38
N PRO A 60 13.43 -6.62 6.43
CA PRO A 60 13.28 -7.93 5.78
C PRO A 60 12.45 -7.87 4.52
N SER A 61 12.40 -8.96 3.82
CA SER A 61 11.51 -9.04 2.68
C SER A 61 10.06 -9.23 3.14
N TRP A 62 9.15 -8.60 2.42
CA TRP A 62 7.72 -8.69 2.70
C TRP A 62 6.92 -8.49 1.39
N TRP A 63 5.64 -8.84 1.48
CA TRP A 63 4.70 -8.78 0.37
C TRP A 63 3.37 -8.43 1.04
N GLU A 64 2.50 -7.68 0.35
CA GLU A 64 1.22 -7.34 0.93
C GLU A 64 0.16 -7.21 -0.13
N VAL A 65 -1.03 -7.63 0.22
CA VAL A 65 -2.22 -7.39 -0.62
C VAL A 65 -3.15 -6.39 0.10
N ASP A 66 -3.74 -5.50 -0.68
CA ASP A 66 -4.64 -4.45 -0.24
C ASP A 66 -6.04 -4.81 -0.79
N LEU A 67 -6.97 -5.10 0.11
CA LEU A 67 -8.35 -5.47 -0.24
C LEU A 67 -9.25 -4.29 -0.60
N LYS A 68 -8.68 -3.10 -0.50
CA LYS A 68 -9.25 -1.80 -0.91
C LYS A 68 -10.23 -1.17 0.09
N LYS A 69 -10.77 -1.99 0.96
CA LYS A 69 -11.64 -1.55 2.04
C LYS A 69 -11.49 -2.58 3.15
N MET A 70 -12.06 -2.30 4.31
CA MET A 70 -12.17 -3.27 5.36
C MET A 70 -13.08 -4.40 4.88
N ASP A 71 -12.62 -5.62 5.09
CA ASP A 71 -13.38 -6.80 4.70
C ASP A 71 -13.24 -7.78 5.86
N LYS A 72 -13.76 -8.98 5.68
CA LYS A 72 -13.68 -10.00 6.73
C LYS A 72 -12.76 -11.11 6.22
N VAL A 73 -11.80 -11.51 7.05
CA VAL A 73 -10.78 -12.48 6.63
C VAL A 73 -10.96 -13.76 7.40
N GLY A 74 -11.27 -14.83 6.67
CA GLY A 74 -11.29 -16.19 7.19
C GLY A 74 -10.02 -16.94 6.84
N LEU A 75 -10.13 -17.93 5.95
CA LEU A 75 -9.01 -18.68 5.46
C LEU A 75 -8.08 -17.82 4.58
N VAL A 76 -6.78 -17.89 4.89
CA VAL A 76 -5.74 -17.37 4.05
C VAL A 76 -4.84 -18.57 3.71
N LYS A 77 -4.70 -18.80 2.43
CA LYS A 77 -3.90 -19.92 1.94
C LYS A 77 -2.73 -19.37 1.14
N ILE A 78 -1.53 -19.77 1.54
CA ILE A 78 -0.29 -19.25 0.96
C ILE A 78 0.43 -20.39 0.29
N TYR A 79 0.68 -20.18 -0.99
CA TYR A 79 1.33 -21.20 -1.84
C TYR A 79 2.79 -20.83 -2.08
N ASN A 80 3.69 -21.73 -1.72
CA ASN A 80 5.10 -21.51 -1.82
C ASN A 80 5.59 -21.69 -3.25
N ARG A 81 6.73 -21.06 -3.53
CA ARG A 81 7.58 -21.47 -4.65
C ARG A 81 7.84 -22.99 -4.47
N THR A 82 7.94 -23.73 -5.61
CA THR A 82 8.13 -25.19 -5.60
C THR A 82 9.34 -25.69 -6.33
N ASP A 83 9.85 -24.93 -7.27
CA ASP A 83 10.93 -25.48 -8.12
C ASP A 83 12.30 -25.46 -7.45
N ALA A 84 12.53 -24.53 -6.52
CA ALA A 84 13.84 -24.35 -5.88
C ALA A 84 13.70 -23.41 -4.70
N GLU A 85 14.68 -23.45 -3.81
CA GLU A 85 14.78 -22.52 -2.67
C GLU A 85 13.53 -22.45 -1.85
N THR A 86 12.87 -23.59 -1.66
CA THR A 86 11.59 -23.62 -0.99
C THR A 86 11.65 -23.26 0.49
N GLN A 87 12.82 -23.49 1.08
CA GLN A 87 13.08 -23.17 2.48
C GLN A 87 13.03 -21.66 2.81
N ARG A 88 13.11 -20.78 1.79
CA ARG A 88 13.02 -19.34 2.00
C ARG A 88 11.75 -18.93 2.69
N LEU A 89 10.65 -19.63 2.40
CA LEU A 89 9.35 -19.35 3.04
C LEU A 89 9.28 -20.08 4.37
N SER A 90 9.93 -19.47 5.35
CA SER A 90 10.06 -20.01 6.70
C SER A 90 10.23 -18.85 7.64
N ASN A 91 9.97 -19.09 8.92
CA ASN A 91 10.14 -18.09 9.97
C ASN A 91 9.52 -16.76 9.56
N PHE A 92 8.21 -16.75 9.38
CA PHE A 92 7.54 -15.59 8.85
C PHE A 92 6.22 -15.32 9.55
N ASP A 93 5.83 -14.06 9.55
CA ASP A 93 4.56 -13.61 10.07
C ASP A 93 3.55 -13.35 8.94
N VAL A 94 2.28 -13.60 9.23
CA VAL A 94 1.14 -13.18 8.39
C VAL A 94 0.34 -12.23 9.27
N ILE A 95 0.25 -11.00 8.80
CA ILE A 95 -0.25 -9.90 9.58
C ILE A 95 -1.40 -9.22 8.89
N LEU A 96 -2.48 -9.03 9.62
CA LEU A 96 -3.65 -8.26 9.20
C LEU A 96 -3.59 -6.85 9.75
N TYR A 97 -3.90 -5.89 8.88
CA TYR A 97 -3.99 -4.49 9.28
C TYR A 97 -5.36 -3.90 8.89
N ASP A 98 -5.81 -2.93 9.71
CA ASP A 98 -7.05 -2.21 9.43
C ASP A 98 -6.80 -1.04 8.45
N ASN A 99 -7.80 -0.18 8.31
CA ASN A 99 -7.74 0.90 7.31
C ASN A 99 -6.70 1.95 7.65
N ASN A 100 -6.24 1.97 8.91
CA ASN A 100 -5.23 2.92 9.36
C ASN A 100 -3.89 2.28 9.63
N ARG A 101 -3.74 1.08 9.07
CA ARG A 101 -2.55 0.24 9.22
C ARG A 101 -2.18 -0.07 10.68
N ASN A 102 -3.20 -0.22 11.52
CA ASN A 102 -3.05 -0.82 12.83
C ASN A 102 -3.12 -2.33 12.68
N GLU A 103 -2.21 -2.99 13.37
CA GLU A 103 -2.18 -4.45 13.36
C GLU A 103 -3.40 -4.96 14.13
N VAL A 104 -4.17 -5.85 13.51
CA VAL A 104 -5.37 -6.38 14.14
C VAL A 104 -5.28 -7.87 14.42
N ALA A 105 -4.38 -8.57 13.72
CA ALA A 105 -4.07 -9.98 14.02
C ALA A 105 -2.75 -10.35 13.42
N LYS A 106 -2.16 -11.43 13.95
CA LYS A 106 -0.88 -11.93 13.44
C LYS A 106 -0.77 -13.41 13.75
N LYS A 107 -0.30 -14.17 12.79
CA LYS A 107 0.10 -15.58 13.01
C LYS A 107 1.51 -15.80 12.52
N HIS A 108 2.24 -16.62 13.24
CA HIS A 108 3.59 -16.96 12.87
C HIS A 108 3.61 -18.35 12.27
N VAL A 109 4.34 -18.50 11.19
CA VAL A 109 4.56 -19.78 10.56
C VAL A 109 6.06 -20.09 10.55
N ASN A 110 6.41 -21.24 11.13
CA ASN A 110 7.81 -21.61 11.23
C ASN A 110 8.38 -22.21 9.95
N ASN A 111 7.64 -23.15 9.41
CA ASN A 111 7.91 -23.63 8.07
C ASN A 111 6.71 -24.43 7.54
N LEU A 112 6.85 -24.85 6.30
CA LEU A 112 5.81 -25.58 5.59
C LEU A 112 6.25 -27.02 5.40
N SER A 113 5.39 -27.96 5.73
CA SER A 113 5.70 -29.34 5.39
C SER A 113 5.27 -29.70 4.00
N GLY A 114 4.23 -29.05 3.49
CA GLY A 114 3.84 -29.18 2.09
C GLY A 114 4.10 -27.94 1.24
N GLU A 115 3.38 -27.86 0.14
CA GLU A 115 3.54 -26.75 -0.83
C GLU A 115 2.79 -25.46 -0.45
N SER A 116 1.92 -25.58 0.55
CA SER A 116 1.13 -24.46 1.03
C SER A 116 0.85 -24.55 2.53
N VAL A 117 0.43 -23.43 3.09
CA VAL A 117 -0.03 -23.35 4.46
C VAL A 117 -1.37 -22.61 4.48
N SER A 118 -2.26 -23.07 5.33
CA SER A 118 -3.58 -22.48 5.52
C SER A 118 -3.74 -21.93 6.93
N LEU A 119 -4.21 -20.69 7.02
CA LEU A 119 -4.37 -20.00 8.30
C LEU A 119 -5.82 -19.52 8.34
N ASP A 120 -6.42 -19.58 9.52
CA ASP A 120 -7.81 -19.14 9.69
C ASP A 120 -7.88 -17.96 10.65
N PHE A 121 -8.18 -16.78 10.09
CA PHE A 121 -8.26 -15.57 10.89
C PHE A 121 -9.67 -15.28 11.46
N LYS A 122 -10.59 -16.22 11.24
CA LYS A 122 -11.88 -16.27 11.94
C LYS A 122 -12.75 -15.02 11.74
N GLU A 123 -12.70 -14.48 10.52
CA GLU A 123 -13.55 -13.37 10.12
C GLU A 123 -13.17 -12.01 10.70
N LYS A 124 -11.91 -11.87 11.07
CA LYS A 124 -11.34 -10.61 11.52
C LYS A 124 -11.43 -9.53 10.44
N GLY A 125 -11.84 -8.35 10.86
CA GLY A 125 -11.92 -7.21 9.97
C GLY A 125 -10.55 -6.67 9.66
N ALA A 126 -10.25 -6.54 8.37
CA ALA A 126 -8.92 -6.07 7.93
C ALA A 126 -9.00 -5.60 6.49
N ARG A 127 -8.10 -4.70 6.11
CA ARG A 127 -7.95 -4.28 4.73
C ARG A 127 -6.70 -4.85 4.10
N TYR A 128 -5.61 -5.05 4.85
CA TYR A 128 -4.31 -5.44 4.31
C TYR A 128 -3.88 -6.77 4.93
N ILE A 129 -3.29 -7.65 4.11
CA ILE A 129 -2.67 -8.86 4.60
C ILE A 129 -1.23 -8.87 4.12
N LYS A 130 -0.32 -8.89 5.06
CA LYS A 130 1.11 -8.84 4.80
C LYS A 130 1.78 -10.15 5.20
N VAL A 131 2.64 -10.64 4.34
CA VAL A 131 3.53 -11.78 4.61
C VAL A 131 4.92 -11.20 4.78
N LYS A 132 5.53 -11.40 5.94
CA LYS A 132 6.79 -10.76 6.26
C LYS A 132 7.75 -11.82 6.76
N LEU A 133 8.85 -12.00 6.05
CA LEU A 133 9.92 -12.87 6.55
C LEU A 133 10.58 -12.20 7.76
N LEU A 134 10.96 -13.00 8.76
CA LEU A 134 11.66 -12.49 9.92
C LEU A 134 13.18 -12.61 9.88
N THR A 135 13.70 -13.29 8.84
CA THR A 135 15.13 -13.46 8.66
C THR A 135 15.59 -12.45 7.61
N SER A 136 16.51 -11.58 8.03
CA SER A 136 17.22 -10.58 7.21
C SER A 136 17.85 -11.24 6.01
N GLY A 137 17.78 -10.57 4.87
CA GLY A 137 18.60 -10.96 3.73
C GLY A 137 18.16 -12.19 3.00
N VAL A 138 16.89 -12.56 3.12
CA VAL A 138 16.30 -13.70 2.40
C VAL A 138 15.21 -13.19 1.45
N PRO A 139 15.30 -13.49 0.17
CA PRO A 139 14.22 -13.11 -0.76
C PRO A 139 12.91 -13.78 -0.42
N LEU A 140 11.82 -13.04 -0.64
CA LEU A 140 10.48 -13.59 -0.49
C LEU A 140 9.87 -13.89 -1.85
N SER A 141 9.49 -15.13 -2.01
CA SER A 141 8.77 -15.62 -3.20
C SER A 141 7.53 -16.40 -2.82
N LEU A 142 6.42 -15.99 -3.39
CA LEU A 142 5.11 -16.53 -3.17
C LEU A 142 4.47 -16.87 -4.51
N ALA A 143 4.03 -18.11 -4.61
CA ALA A 143 3.35 -18.55 -5.82
C ALA A 143 1.93 -17.96 -5.93
N GLU A 144 1.25 -17.86 -4.78
CA GLU A 144 -0.10 -17.38 -4.72
C GLU A 144 -0.53 -17.21 -3.27
N VAL A 145 -1.33 -16.18 -3.06
CA VAL A 145 -1.99 -15.92 -1.79
C VAL A 145 -3.45 -15.75 -2.04
N GLU A 146 -4.21 -16.69 -1.51
CA GLU A 146 -5.64 -16.67 -1.64
C GLU A 146 -6.29 -16.30 -0.28
N VAL A 147 -7.31 -15.45 -0.31
CA VAL A 147 -7.98 -14.98 0.87
C VAL A 147 -9.50 -15.18 0.70
N PHE A 148 -10.12 -15.77 1.72
CA PHE A 148 -11.55 -16.04 1.72
C PHE A 148 -12.21 -15.37 2.90
N ARG A 149 -13.50 -15.08 2.78
CA ARG A 149 -14.21 -14.35 3.86
C ARG A 149 -14.64 -15.20 5.06
N GLU A 150 -14.57 -16.52 4.87
CA GLU A 150 -14.76 -17.46 5.97
C GLU A 150 -13.76 -18.63 5.91
N SER A 151 -13.80 -19.47 6.87
N ASN B 15 12.97 20.91 -11.02
CA ASN B 15 13.59 19.55 -10.92
C ASN B 15 12.49 18.48 -10.97
N LEU B 16 12.88 17.24 -10.73
CA LEU B 16 12.08 16.10 -11.17
C LEU B 16 11.02 15.80 -10.12
N ASN B 17 9.75 15.76 -10.53
CA ASN B 17 8.70 15.36 -9.60
C ASN B 17 8.64 13.83 -9.60
N ILE B 18 9.17 13.24 -8.54
CA ILE B 18 9.32 11.80 -8.44
C ILE B 18 8.01 11.15 -8.01
N ALA B 19 7.05 11.95 -7.59
CA ALA B 19 5.70 11.40 -7.30
C ALA B 19 4.80 11.16 -8.52
N TYR B 20 5.08 11.89 -9.61
CA TYR B 20 4.28 11.82 -10.81
C TYR B 20 4.13 10.35 -11.29
N ALA B 21 2.87 9.95 -11.48
CA ALA B 21 2.49 8.65 -12.01
C ALA B 21 2.92 7.44 -11.15
N LYS B 22 3.26 7.71 -9.87
CA LYS B 22 3.58 6.62 -8.97
C LYS B 22 2.30 5.95 -8.46
N PRO B 23 2.41 4.72 -7.93
CA PRO B 23 1.28 4.11 -7.25
C PRO B 23 0.79 4.93 -6.06
N THR B 24 -0.53 5.03 -5.95
CA THR B 24 -1.21 5.73 -4.87
C THR B 24 -2.33 4.91 -4.28
N THR B 25 -2.62 5.18 -3.01
CA THR B 25 -3.77 4.61 -2.34
C THR B 25 -4.39 5.71 -1.47
N GLN B 26 -5.62 5.47 -1.03
CA GLN B 26 -6.24 6.37 -0.06
C GLN B 26 -7.24 5.62 0.78
N SER B 27 -7.75 6.30 1.77
CA SER B 27 -8.54 5.65 2.81
C SER B 27 -9.84 5.05 2.25
N SER B 28 -10.39 5.69 1.22
CA SER B 28 -11.57 5.22 0.46
C SER B 28 -11.74 6.08 -0.79
N VAL B 29 -12.75 5.78 -1.60
CA VAL B 29 -13.01 6.62 -2.77
CA VAL B 29 -13.01 6.61 -2.78
C VAL B 29 -14.49 7.03 -2.78
N ASP B 30 -14.71 8.28 -3.14
CA ASP B 30 -16.08 8.82 -3.36
C ASP B 30 -16.02 9.71 -4.59
N TYR B 31 -17.16 9.80 -5.29
CA TYR B 31 -17.31 10.68 -6.46
C TYR B 31 -16.28 10.39 -7.53
N ASN B 32 -15.89 9.14 -7.60
CA ASN B 32 -14.85 8.69 -8.53
C ASN B 32 -13.50 9.36 -8.40
N GLY B 33 -13.22 9.92 -7.23
CA GLY B 33 -12.01 10.72 -6.95
C GLY B 33 -10.81 9.82 -6.59
N ASP B 34 -10.46 8.97 -7.53
CA ASP B 34 -9.36 8.02 -7.33
C ASP B 34 -8.06 8.72 -6.92
N PRO B 35 -7.26 8.05 -6.09
CA PRO B 35 -6.02 8.67 -5.55
C PRO B 35 -5.02 9.00 -6.62
N ASN B 36 -5.10 8.32 -7.77
CA ASN B 36 -4.17 8.63 -8.84
C ASN B 36 -4.29 10.09 -9.38
N ARG B 37 -5.44 10.71 -9.09
CA ARG B 37 -5.62 12.06 -9.57
C ARG B 37 -4.62 13.04 -8.98
N ALA B 38 -4.05 12.72 -7.81
CA ALA B 38 -3.06 13.61 -7.19
C ALA B 38 -1.64 13.45 -7.71
N VAL B 39 -1.44 12.50 -8.63
CA VAL B 39 -0.14 12.32 -9.27
C VAL B 39 -0.28 12.28 -10.81
N ASP B 40 -1.30 12.98 -11.31
CA ASP B 40 -1.58 12.99 -12.78
C ASP B 40 -0.91 14.13 -13.53
N GLY B 41 -0.09 14.91 -12.83
CA GLY B 41 0.63 16.02 -13.42
C GLY B 41 -0.16 17.30 -13.56
N ASN B 42 -1.42 17.28 -13.14
CA ASN B 42 -2.36 18.38 -13.35
C ASN B 42 -2.62 19.00 -11.98
N ARG B 43 -2.28 20.27 -11.81
CA ARG B 43 -2.48 20.99 -10.55
C ARG B 43 -3.88 21.59 -10.40
N ASN B 44 -4.73 21.46 -11.42
CA ASN B 44 -6.11 21.96 -11.42
C ASN B 44 -6.85 21.46 -10.19
N GLY B 45 -7.37 22.40 -9.41
CA GLY B 45 -8.16 22.14 -8.21
C GLY B 45 -9.68 22.11 -8.39
N ASN B 46 -10.16 22.32 -9.62
CA ASN B 46 -11.58 22.15 -9.91
C ASN B 46 -12.02 20.70 -10.02
N PHE B 47 -12.89 20.24 -9.12
CA PHE B 47 -13.21 18.82 -9.08
C PHE B 47 -13.70 18.26 -10.41
N ASN B 48 -14.56 19.00 -11.14
CA ASN B 48 -15.11 18.56 -12.44
C ASN B 48 -14.09 18.32 -13.54
N SER B 49 -12.88 18.84 -13.37
CA SER B 49 -11.76 18.55 -14.28
C SER B 49 -11.29 17.10 -14.29
N GLY B 50 -11.53 16.40 -13.16
CA GLY B 50 -11.12 15.05 -12.93
C GLY B 50 -9.69 14.99 -12.40
N SER B 51 -9.14 16.12 -11.97
CA SER B 51 -7.77 16.22 -11.50
C SER B 51 -7.64 16.05 -9.98
N VAL B 52 -8.77 15.92 -9.26
CA VAL B 52 -8.80 16.04 -7.80
C VAL B 52 -9.37 14.76 -7.19
N THR B 53 -8.65 14.27 -6.18
CA THR B 53 -9.06 13.08 -5.46
C THR B 53 -10.23 13.38 -4.52
N HIS B 54 -10.78 12.31 -3.95
CA HIS B 54 -11.89 12.44 -3.00
C HIS B 54 -12.10 11.11 -2.29
N THR B 55 -12.05 11.15 -0.95
CA THR B 55 -12.40 10.00 -0.13
C THR B 55 -13.81 10.14 0.41
N ARG B 56 -14.29 9.08 1.04
CA ARG B 56 -15.46 9.19 1.91
C ARG B 56 -15.07 9.94 3.16
N ALA B 57 -16.03 10.09 4.06
CA ALA B 57 -15.78 10.81 5.28
C ALA B 57 -15.24 9.98 6.41
N ASP B 58 -13.93 9.74 6.44
CA ASP B 58 -13.38 8.49 6.95
C ASP B 58 -12.89 8.93 8.39
N ASN B 59 -12.31 7.99 9.13
CA ASN B 59 -11.95 8.20 10.55
C ASN B 59 -10.48 7.78 10.79
N PRO B 60 -9.51 8.55 10.30
CA PRO B 60 -9.67 9.73 9.47
C PRO B 60 -9.38 9.43 7.98
N SER B 61 -9.61 10.45 7.17
CA SER B 61 -9.27 10.37 5.75
C SER B 61 -7.77 10.53 5.55
N TRP B 62 -7.22 9.78 4.56
CA TRP B 62 -5.80 9.84 4.29
C TRP B 62 -5.56 9.46 2.85
N TRP B 63 -4.38 9.81 2.36
CA TRP B 63 -3.92 9.54 0.98
C TRP B 63 -2.43 9.27 1.05
N GLU B 64 -1.91 8.43 0.15
CA GLU B 64 -0.49 8.11 0.20
C GLU B 64 0.03 7.82 -1.19
N VAL B 65 1.24 8.27 -1.44
CA VAL B 65 2.00 7.85 -2.62
C VAL B 65 3.15 6.92 -2.18
N ASP B 66 3.40 5.94 -3.04
CA ASP B 66 4.47 4.95 -2.91
C ASP B 66 5.51 5.21 -3.99
N LEU B 67 6.71 5.65 -3.58
CA LEU B 67 7.79 5.92 -4.51
C LEU B 67 8.45 4.65 -5.05
N LYS B 68 8.02 3.51 -4.49
CA LYS B 68 8.38 2.13 -4.91
C LYS B 68 9.71 1.64 -4.37
N LYS B 69 10.51 2.58 -3.86
CA LYS B 69 11.75 2.27 -3.23
C LYS B 69 12.12 3.44 -2.32
N MET B 70 13.11 3.26 -1.46
CA MET B 70 13.58 4.38 -0.65
C MET B 70 14.24 5.41 -1.59
N ASP B 71 13.86 6.66 -1.40
CA ASP B 71 14.37 7.77 -2.15
C ASP B 71 14.61 8.91 -1.16
N LYS B 72 15.03 10.05 -1.65
CA LYS B 72 15.32 11.16 -0.75
C LYS B 72 14.25 12.19 -1.02
N VAL B 73 13.65 12.70 0.04
CA VAL B 73 12.56 13.64 -0.09
C VAL B 73 13.00 15.04 0.37
N GLY B 74 12.87 16.00 -0.52
CA GLY B 74 13.14 17.40 -0.23
C GLY B 74 11.82 18.12 -0.20
N LEU B 75 11.58 18.93 -1.21
CA LEU B 75 10.34 19.68 -1.29
C LEU B 75 9.13 18.80 -1.60
N VAL B 76 8.06 18.99 -0.82
CA VAL B 76 6.78 18.38 -1.06
C VAL B 76 5.76 19.49 -1.21
N LYS B 77 5.05 19.52 -2.34
CA LYS B 77 4.02 20.50 -2.59
C LYS B 77 2.64 19.87 -2.67
N ILE B 78 1.73 20.37 -1.84
CA ILE B 78 0.37 19.88 -1.69
C ILE B 78 -0.62 20.92 -2.20
N TYR B 79 -1.39 20.54 -3.21
CA TYR B 79 -2.31 21.43 -3.91
C TYR B 79 -3.72 21.07 -3.53
N ASN B 80 -4.47 22.06 -3.05
CA ASN B 80 -5.83 21.86 -2.59
C ASN B 80 -6.88 21.85 -3.71
N ARG B 81 -8.02 21.25 -3.43
CA ARG B 81 -9.26 21.54 -4.16
C ARG B 81 -9.49 23.04 -4.13
N THR B 82 -10.10 23.60 -5.20
CA THR B 82 -10.29 25.04 -5.31
C THR B 82 -11.73 25.43 -5.58
N ASP B 83 -12.56 24.56 -6.13
CA ASP B 83 -13.92 24.98 -6.52
C ASP B 83 -14.88 25.08 -5.33
N ALA B 84 -14.63 24.30 -4.27
CA ALA B 84 -15.58 24.18 -3.17
C ALA B 84 -14.95 23.38 -2.05
N GLU B 85 -15.53 23.53 -0.86
CA GLU B 85 -15.12 22.83 0.36
C GLU B 85 -13.63 22.92 0.65
N THR B 86 -13.02 24.05 0.35
CA THR B 86 -11.57 24.18 0.44
C THR B 86 -11.02 24.05 1.87
N GLN B 87 -11.88 24.34 2.85
CA GLN B 87 -11.48 24.24 4.24
C GLN B 87 -11.18 22.80 4.69
N ARG B 88 -11.63 21.81 3.91
CA ARG B 88 -11.45 20.38 4.27
C ARG B 88 -9.97 20.06 4.44
N LEU B 89 -9.12 20.68 3.60
CA LEU B 89 -7.69 20.48 3.73
C LEU B 89 -7.05 21.38 4.80
N SER B 90 -7.15 20.93 6.04
CA SER B 90 -6.62 21.69 7.16
C SER B 90 -6.42 20.74 8.31
N ASN B 91 -5.62 21.15 9.29
CA ASN B 91 -5.34 20.33 10.48
C ASN B 91 -4.95 18.92 10.04
N PHE B 92 -3.85 18.83 9.31
CA PHE B 92 -3.38 17.57 8.77
C PHE B 92 -1.89 17.40 8.94
N ASP B 93 -1.47 16.14 8.97
CA ASP B 93 -0.10 15.74 8.98
C ASP B 93 0.37 15.20 7.65
N VAL B 94 1.63 15.44 7.37
CA VAL B 94 2.31 14.90 6.19
C VAL B 94 3.43 14.06 6.73
N ILE B 95 3.40 12.76 6.46
CA ILE B 95 4.23 11.78 7.14
C ILE B 95 5.04 10.98 6.14
N LEU B 96 6.30 10.77 6.43
CA LEU B 96 7.21 9.98 5.61
C LEU B 96 7.47 8.64 6.30
N TYR B 97 7.43 7.55 5.53
CA TYR B 97 7.63 6.19 6.03
C TYR B 97 8.73 5.55 5.22
N ASP B 98 9.52 4.71 5.87
CA ASP B 98 10.57 3.96 5.22
C ASP B 98 10.01 2.65 4.67
N ASN B 99 10.89 1.76 4.20
CA ASN B 99 10.47 0.55 3.50
C ASN B 99 9.74 -0.43 4.41
N ASN B 100 9.87 -0.29 5.73
CA ASN B 100 9.19 -1.14 6.70
C ASN B 100 8.07 -0.39 7.41
N ARG B 101 7.68 0.75 6.85
CA ARG B 101 6.65 1.60 7.40
C ARG B 101 6.95 2.15 8.81
N ASN B 102 8.24 2.33 9.12
CA ASN B 102 8.64 3.14 10.25
C ASN B 102 8.47 4.57 9.87
N GLU B 103 7.87 5.36 10.76
CA GLU B 103 7.71 6.81 10.55
C GLU B 103 9.11 7.44 10.66
N VAL B 104 9.52 8.15 9.64
CA VAL B 104 10.82 8.79 9.70
C VAL B 104 10.81 10.33 9.81
N ALA B 105 9.68 10.95 9.47
CA ALA B 105 9.48 12.39 9.58
C ALA B 105 8.03 12.74 9.51
N LYS B 106 7.65 13.84 10.14
CA LYS B 106 6.27 14.28 10.16
C LYS B 106 6.24 15.78 10.32
N LYS B 107 5.45 16.45 9.50
CA LYS B 107 5.13 17.86 9.63
C LYS B 107 3.64 18.05 9.69
N HIS B 108 3.22 19.04 10.49
CA HIS B 108 1.83 19.39 10.63
C HIS B 108 1.50 20.70 9.94
N VAL B 109 0.33 20.76 9.31
CA VAL B 109 -0.19 21.95 8.67
C VAL B 109 -1.53 22.30 9.29
N ASN B 110 -1.66 23.53 9.80
CA ASN B 110 -2.95 23.99 10.29
C ASN B 110 -3.88 24.32 9.17
N ASN B 111 -3.55 25.33 8.40
CA ASN B 111 -4.48 25.79 7.37
C ASN B 111 -3.61 26.27 6.21
N LEU B 112 -4.16 26.20 5.01
CA LEU B 112 -3.46 26.74 3.83
C LEU B 112 -3.79 28.22 3.71
N SER B 113 -2.82 29.02 3.33
CA SER B 113 -3.10 30.44 3.08
C SER B 113 -3.36 30.72 1.60
N GLY B 114 -2.65 30.05 0.69
CA GLY B 114 -3.11 29.97 -0.70
C GLY B 114 -3.74 28.65 -1.19
N GLU B 115 -3.51 28.31 -2.45
CA GLU B 115 -4.16 27.13 -3.05
C GLU B 115 -3.29 25.88 -2.86
N SER B 116 -2.12 26.08 -2.30
CA SER B 116 -1.19 25.00 -2.03
C SER B 116 -0.31 25.34 -0.85
N VAL B 117 0.36 24.34 -0.31
CA VAL B 117 1.40 24.49 0.71
C VAL B 117 2.61 23.67 0.36
N SER B 118 3.77 24.21 0.68
CA SER B 118 5.01 23.54 0.40
CA SER B 118 5.07 23.59 0.40
C SER B 118 5.79 23.27 1.70
N LEU B 119 6.39 22.08 1.76
CA LEU B 119 7.13 21.57 2.91
C LEU B 119 8.47 21.03 2.45
N ASP B 120 9.47 21.15 3.30
CA ASP B 120 10.80 20.72 2.96
C ASP B 120 11.33 19.71 3.98
N PHE B 121 11.47 18.46 3.56
CA PHE B 121 11.92 17.39 4.41
C PHE B 121 13.44 17.13 4.37
N LYS B 122 14.17 17.99 3.65
CA LYS B 122 15.63 18.08 3.79
C LYS B 122 16.35 16.79 3.43
N GLU B 123 15.89 16.15 2.35
CA GLU B 123 16.50 14.94 1.82
C GLU B 123 16.36 13.68 2.72
N LYS B 124 15.34 13.65 3.57
CA LYS B 124 15.07 12.46 4.40
C LYS B 124 14.78 11.28 3.50
N GLY B 125 15.35 10.13 3.83
CA GLY B 125 15.10 8.87 3.15
C GLY B 125 13.73 8.29 3.49
N ALA B 126 12.93 8.03 2.45
CA ALA B 126 11.57 7.52 2.61
C ALA B 126 11.11 6.87 1.34
N ARG B 127 10.18 5.93 1.50
CA ARG B 127 9.50 5.33 0.38
C ARG B 127 8.07 5.84 0.22
N TYR B 128 7.39 6.16 1.34
CA TYR B 128 5.96 6.56 1.27
C TYR B 128 5.77 7.96 1.88
N ILE B 129 4.89 8.72 1.25
CA ILE B 129 4.46 10.02 1.76
C ILE B 129 2.95 9.99 1.93
N LYS B 130 2.49 10.18 3.16
CA LYS B 130 1.09 10.10 3.50
C LYS B 130 0.60 11.44 3.95
N VAL B 131 -0.57 11.83 3.47
CA VAL B 131 -1.29 13.00 3.94
C VAL B 131 -2.48 12.52 4.75
N LYS B 132 -2.55 12.89 6.02
CA LYS B 132 -3.57 12.38 6.95
C LYS B 132 -4.30 13.54 7.67
N LEU B 133 -5.59 13.66 7.45
CA LEU B 133 -6.41 14.65 8.20
C LEU B 133 -6.48 14.20 9.64
N LEU B 134 -6.39 15.16 10.56
CA LEU B 134 -6.46 14.84 11.98
C LEU B 134 -7.87 14.98 12.55
N THR B 135 -8.75 15.64 11.80
CA THR B 135 -10.16 15.71 12.14
C THR B 135 -10.88 14.61 11.39
N SER B 136 -11.44 13.66 12.11
CA SER B 136 -12.23 12.62 11.51
C SER B 136 -13.58 13.12 10.97
N GLY B 137 -14.10 12.34 10.05
CA GLY B 137 -15.35 12.65 9.42
C GLY B 137 -15.34 13.73 8.35
N VAL B 138 -14.16 14.00 7.80
CA VAL B 138 -14.00 15.05 6.78
C VAL B 138 -13.37 14.34 5.56
N PRO B 139 -13.98 14.43 4.38
CA PRO B 139 -13.30 13.88 3.17
C PRO B 139 -11.98 14.57 2.80
N LEU B 140 -11.01 13.79 2.33
CA LEU B 140 -9.76 14.29 1.84
C LEU B 140 -9.81 14.40 0.29
N SER B 141 -9.62 15.62 -0.20
CA SER B 141 -9.47 15.93 -1.63
C SER B 141 -8.16 16.69 -1.86
N LEU B 142 -7.30 16.15 -2.74
CA LEU B 142 -6.03 16.73 -3.09
C LEU B 142 -6.03 16.95 -4.59
N ALA B 143 -5.69 18.15 -5.01
CA ALA B 143 -5.52 18.38 -6.47
C ALA B 143 -4.28 17.72 -7.05
N GLU B 144 -3.22 17.74 -6.25
CA GLU B 144 -1.93 17.22 -6.69
C GLU B 144 -1.00 17.21 -5.47
N VAL B 145 -0.11 16.23 -5.45
CA VAL B 145 1.05 16.17 -4.59
C VAL B 145 2.28 15.95 -5.44
N GLU B 146 3.22 16.91 -5.37
CA GLU B 146 4.49 16.82 -6.06
C GLU B 146 5.62 16.65 -5.06
N VAL B 147 6.58 15.78 -5.39
CA VAL B 147 7.67 15.45 -4.50
C VAL B 147 8.95 15.60 -5.25
N PHE B 148 9.92 16.30 -4.67
CA PHE B 148 11.22 16.53 -5.29
C PHE B 148 12.32 16.00 -4.41
N ARG B 149 13.50 15.73 -4.94
CA ARG B 149 14.57 15.05 -4.17
C ARG B 149 15.44 15.92 -3.25
N GLU B 150 15.42 17.22 -3.58
CA GLU B 150 16.05 18.28 -2.79
C GLU B 150 15.05 19.43 -2.66
N SER B 151 15.32 20.50 -2.04
CA CA C . 0.52 -16.94 -8.97
C1 FUL D . 17.47 -19.68 -8.42
C2 FUL D . 17.96 -19.10 -7.09
O2 FUL D . 19.21 -19.69 -6.77
C3 FUL D . 18.08 -17.60 -7.19
O3 FUL D . 18.49 -17.09 -5.95
C4 FUL D . 16.77 -16.97 -7.65
O4 FUL D . 15.78 -17.22 -6.67
C5 FUL D . 16.34 -17.63 -8.97
C6 FUL D . 15.04 -17.06 -9.57
O5 FUL D . 16.28 -19.02 -8.79
O1 FUL D . 17.18 -21.04 -8.24
CA CA E . -4.12 16.34 -10.23
C1 FUL F . -19.65 19.27 -3.44
C2 FUL F . -19.47 19.00 -1.94
O2 FUL F . -20.37 19.82 -1.15
C3 FUL F . -19.68 17.51 -1.80
O3 FUL F . -19.45 17.22 -0.45
C4 FUL F . -18.67 16.75 -2.67
O4 FUL F . -17.40 17.15 -2.20
C5 FUL F . -18.94 17.13 -4.12
C6 FUL F . -18.09 16.39 -5.17
O5 FUL F . -18.69 18.52 -4.20
O1 FUL F . -19.43 20.63 -3.63
#